data_2NUV
#
_entry.id   2NUV
#
_cell.length_a   60.650
_cell.length_b   49.860
_cell.length_c   64.990
_cell.angle_alpha   90.00
_cell.angle_beta   106.30
_cell.angle_gamma   90.00
#
_symmetry.space_group_name_H-M   'P 1 21 1'
#
loop_
_entity.id
_entity.type
_entity.pdbx_description
1 polymer Lactotransferrin
2 branched alpha-D-mannopyranose-(1-4)-2-acetamido-2-deoxy-beta-D-glucopyranose-(1-4)-2-acetamido-2-deoxy-beta-D-glucopyranose
3 branched alpha-D-mannopyranose-(1-4)-alpha-D-mannopyranose-(1-4)-2-acetamido-2-deoxy-beta-D-glucopyranose-(1-4)-2-acetamido-2-deoxy-beta-D-glucopyranose
4 non-polymer 2-acetamido-2-deoxy-beta-D-glucopyranose
5 non-polymer 2-(4-(2-HYDROXY-3-(ISOPROPYLAMINO)PROPOXY)PHENYL)ETHANAMIDE
6 non-polymer 'ZINC ION'
7 non-polymer 'FE (III) ION'
8 non-polymer 'CARBONATE ION'
9 non-polymer 'SULFATE ION'
10 water water
#
_entity_poly.entity_id   1
_entity_poly.type   'polypeptide(L)'
_entity_poly.pdbx_seq_one_letter_code
;YTRVVWCAVGPEEQKKCQQWSQQSGQNVTCATASTTDDCIVLVLKGEADALNLDGGYIYTAGKCGLVPVLAENRKSSKHS
SLDCVLRPTEGYLAVAVVKKANEGLTWNSLKDKKSCHTAVDRTAGWNIPMGLIVNQTGSCAFDEFFSQSCAPGADPKSRL
CALCAGDDQGLDKCVPNSKEKYYGYTGAFRCLAEDVGDVAFVKNDTVWENTNGESTADWAKNLKREDFRLLCLDGTRKPV
TEAQSCHLAVAPNHAVVSRSDRAAHVEQVLLHQQALFGKNGKNCPDKFCLFKSETKNLLFNDNTECLAKLGGRPTYEEYL
GTEYVTAIANLKKCSTSPLLEACAF
;
_entity_poly.pdbx_strand_id   A
#
# COMPACT_ATOMS: atom_id res chain seq x y z
N TYR A 1 -18.30 12.18 22.08
CA TYR A 1 -17.68 11.00 22.74
C TYR A 1 -17.71 9.78 21.82
N THR A 2 -18.63 9.78 20.85
CA THR A 2 -18.71 8.70 19.87
C THR A 2 -17.70 9.12 18.82
N ARG A 3 -16.49 9.36 19.29
CA ARG A 3 -15.41 9.81 18.44
C ARG A 3 -14.37 8.75 18.14
N VAL A 4 -13.86 8.78 16.91
CA VAL A 4 -12.86 7.83 16.48
C VAL A 4 -11.49 8.50 16.36
N VAL A 5 -10.49 7.85 16.96
CA VAL A 5 -9.12 8.35 16.92
C VAL A 5 -8.40 7.59 15.82
N TRP A 6 -8.09 8.29 14.74
CA TRP A 6 -7.41 7.68 13.61
C TRP A 6 -5.90 7.71 13.87
N CYS A 7 -5.16 6.75 13.32
CA CYS A 7 -3.73 6.76 13.51
C CYS A 7 -3.07 7.11 12.19
N ALA A 8 -2.33 8.22 12.22
CA ALA A 8 -1.65 8.72 11.05
C ALA A 8 -0.21 8.23 11.10
N VAL A 9 0.32 7.84 9.96
CA VAL A 9 1.69 7.36 9.87
C VAL A 9 2.55 8.44 9.23
N GLY A 10 3.44 9.04 10.01
CA GLY A 10 4.29 10.08 9.48
C GLY A 10 3.62 11.44 9.61
N PRO A 11 4.38 12.54 9.49
CA PRO A 11 3.88 13.92 9.59
C PRO A 11 2.96 14.40 8.48
N GLU A 12 3.06 13.77 7.31
CA GLU A 12 2.21 14.15 6.19
C GLU A 12 0.81 13.59 6.39
N GLU A 13 0.73 12.33 6.82
CA GLU A 13 -0.58 11.74 7.08
C GLU A 13 -1.14 12.44 8.31
N GLN A 14 -0.26 12.92 9.17
CA GLN A 14 -0.69 13.61 10.38
C GLN A 14 -1.37 14.93 10.01
N LYS A 15 -0.76 15.68 9.08
CA LYS A 15 -1.32 16.96 8.65
C LYS A 15 -2.67 16.73 8.00
N LYS A 16 -2.75 15.72 7.13
CA LYS A 16 -4.02 15.43 6.46
C LYS A 16 -5.09 15.03 7.48
N CYS A 17 -4.71 14.18 8.44
CA CYS A 17 -5.66 13.73 9.45
C CYS A 17 -6.22 14.89 10.28
N GLN A 18 -5.36 15.84 10.63
CA GLN A 18 -5.78 16.98 11.42
C GLN A 18 -6.74 17.87 10.65
N GLN A 19 -6.61 17.83 9.32
CA GLN A 19 -7.45 18.58 8.40
C GLN A 19 -8.84 17.94 8.48
N TRP A 20 -8.83 16.61 8.40
CA TRP A 20 -10.03 15.79 8.45
C TRP A 20 -10.72 15.95 9.81
N SER A 21 -9.92 16.12 10.86
CA SER A 21 -10.44 16.27 12.20
C SER A 21 -11.14 17.63 12.32
N GLN A 22 -10.44 18.67 11.89
CA GLN A 22 -10.95 20.04 11.89
C GLN A 22 -12.31 20.05 11.20
N GLN A 23 -12.34 19.47 10.00
CA GLN A 23 -13.55 19.41 9.17
C GLN A 23 -14.67 18.54 9.72
N SER A 24 -14.32 17.56 10.55
CA SER A 24 -15.30 16.64 11.10
C SER A 24 -15.92 17.11 12.41
N GLY A 25 -15.47 18.26 12.92
CA GLY A 25 -16.00 18.75 14.18
C GLY A 25 -15.48 17.82 15.25
N GLN A 26 -14.28 17.30 14.97
CA GLN A 26 -13.58 16.39 15.86
C GLN A 26 -14.28 15.07 16.13
N ASN A 27 -15.14 14.64 15.21
CA ASN A 27 -15.82 13.36 15.36
C ASN A 27 -14.72 12.36 15.08
N VAL A 28 -13.69 12.86 14.39
CA VAL A 28 -12.50 12.08 14.09
C VAL A 28 -11.37 12.92 14.64
N THR A 29 -10.54 12.28 15.43
CA THR A 29 -9.41 12.93 16.06
C THR A 29 -8.18 12.15 15.64
N CYS A 30 -6.99 12.69 15.89
CA CYS A 30 -5.78 12.01 15.43
C CYS A 30 -4.69 11.64 16.42
N ALA A 31 -4.04 10.53 16.13
CA ALA A 31 -2.91 10.04 16.90
C ALA A 31 -1.92 9.83 15.77
N THR A 32 -0.63 9.97 16.04
CA THR A 32 0.38 9.78 15.01
C THR A 32 1.55 8.96 15.53
N ALA A 33 2.09 8.11 14.66
CA ALA A 33 3.24 7.28 14.99
C ALA A 33 4.18 7.36 13.79
N SER A 34 5.43 6.91 13.96
CA SER A 34 6.40 6.95 12.87
C SER A 34 6.27 5.80 11.89
N THR A 35 5.68 4.69 12.31
CA THR A 35 5.55 3.55 11.44
C THR A 35 4.17 2.93 11.55
N THR A 36 3.82 2.12 10.55
CA THR A 36 2.53 1.47 10.55
C THR A 36 2.46 0.53 11.76
N ASP A 37 3.53 -0.21 12.03
CA ASP A 37 3.56 -1.12 13.18
C ASP A 37 3.30 -0.36 14.48
N ASP A 38 3.92 0.81 14.60
CA ASP A 38 3.72 1.62 15.79
C ASP A 38 2.25 2.02 15.90
N CYS A 39 1.63 2.32 14.77
CA CYS A 39 0.22 2.69 14.79
C CYS A 39 -0.62 1.50 15.20
N ILE A 40 -0.22 0.31 14.79
CA ILE A 40 -0.93 -0.90 15.15
C ILE A 40 -0.87 -1.07 16.67
N VAL A 41 0.28 -0.74 17.25
CA VAL A 41 0.46 -0.84 18.70
C VAL A 41 -0.41 0.18 19.44
N LEU A 42 -0.50 1.41 18.95
CA LEU A 42 -1.38 2.41 19.59
C LEU A 42 -2.81 1.89 19.60
N VAL A 43 -3.21 1.22 18.51
CA VAL A 43 -4.55 0.67 18.43
C VAL A 43 -4.70 -0.43 19.46
N LEU A 44 -3.75 -1.35 19.49
CA LEU A 44 -3.76 -2.45 20.45
C LEU A 44 -3.88 -1.91 21.88
N LYS A 45 -3.17 -0.84 22.18
CA LYS A 45 -3.21 -0.25 23.52
C LYS A 45 -4.51 0.47 23.80
N GLY A 46 -5.26 0.74 22.74
CA GLY A 46 -6.51 1.46 22.91
C GLY A 46 -6.29 2.95 22.86
N GLU A 47 -5.10 3.38 22.45
CA GLU A 47 -4.80 4.80 22.36
C GLU A 47 -5.22 5.39 21.01
N ALA A 48 -5.56 4.51 20.06
CA ALA A 48 -6.04 4.90 18.73
C ALA A 48 -7.10 3.85 18.39
N ASP A 49 -8.00 4.20 17.50
CA ASP A 49 -9.09 3.30 17.14
C ASP A 49 -8.92 2.58 15.82
N ALA A 50 -8.24 3.21 14.85
CA ALA A 50 -8.14 2.56 13.56
C ALA A 50 -7.23 3.26 12.58
N LEU A 51 -6.93 2.55 11.49
CA LEU A 51 -6.13 3.07 10.39
C LEU A 51 -6.37 2.16 9.19
N ASN A 52 -6.11 2.67 8.00
CA ASN A 52 -6.27 1.92 6.76
C ASN A 52 -4.93 1.19 6.54
N LEU A 53 -4.97 -0.09 6.23
CA LEU A 53 -3.73 -0.87 6.05
C LEU A 53 -3.63 -1.74 4.80
N ASP A 54 -2.41 -1.88 4.30
CA ASP A 54 -2.12 -2.74 3.17
C ASP A 54 -2.31 -4.16 3.73
N GLY A 55 -2.56 -5.13 2.86
CA GLY A 55 -2.77 -6.50 3.31
C GLY A 55 -1.66 -7.09 4.15
N GLY A 56 -0.43 -6.70 3.88
CA GLY A 56 0.71 -7.21 4.63
C GLY A 56 0.62 -6.77 6.09
N TYR A 57 0.06 -5.59 6.30
CA TYR A 57 -0.11 -5.07 7.65
C TYR A 57 -1.38 -5.69 8.25
N ILE A 58 -2.36 -6.00 7.39
CA ILE A 58 -3.59 -6.63 7.88
C ILE A 58 -3.18 -7.92 8.59
N TYR A 59 -2.25 -8.66 7.98
CA TYR A 59 -1.76 -9.92 8.55
C TYR A 59 -1.16 -9.69 9.94
N THR A 60 -0.22 -8.75 10.04
CA THR A 60 0.44 -8.40 11.30
C THR A 60 -0.59 -7.98 12.35
N ALA A 61 -1.51 -7.10 11.96
CA ALA A 61 -2.53 -6.62 12.87
C ALA A 61 -3.49 -7.75 13.26
N GLY A 62 -3.72 -8.65 12.31
CA GLY A 62 -4.61 -9.77 12.51
C GLY A 62 -4.14 -10.76 13.56
N LYS A 63 -2.85 -11.08 13.54
CA LYS A 63 -2.29 -12.02 14.52
C LYS A 63 -2.43 -11.42 15.92
N CYS A 64 -2.43 -10.09 15.99
CA CYS A 64 -2.54 -9.42 17.27
C CYS A 64 -3.99 -9.16 17.67
N GLY A 65 -4.93 -9.72 16.91
CA GLY A 65 -6.32 -9.57 17.25
C GLY A 65 -7.11 -8.41 16.63
N LEU A 66 -6.48 -7.60 15.79
CA LEU A 66 -7.21 -6.50 15.16
C LEU A 66 -8.03 -7.08 14.01
N VAL A 67 -9.17 -6.44 13.71
CA VAL A 67 -10.04 -6.93 12.66
C VAL A 67 -10.42 -5.94 11.56
N PRO A 68 -10.54 -6.46 10.34
CA PRO A 68 -10.91 -5.76 9.12
C PRO A 68 -12.31 -5.16 9.33
N VAL A 69 -12.50 -3.90 8.94
CA VAL A 69 -13.79 -3.24 9.15
C VAL A 69 -14.48 -2.84 7.84
N LEU A 70 -13.75 -2.11 7.01
CA LEU A 70 -14.22 -1.69 5.70
C LEU A 70 -13.02 -1.78 4.78
N ALA A 71 -13.24 -1.99 3.49
CA ALA A 71 -12.13 -2.08 2.55
C ALA A 71 -12.19 -0.99 1.49
N GLU A 72 -11.03 -0.58 0.99
CA GLU A 72 -10.99 0.44 -0.05
C GLU A 72 -11.66 -0.15 -1.29
N ASN A 73 -12.51 0.63 -1.95
CA ASN A 73 -13.12 0.14 -3.17
C ASN A 73 -12.78 1.14 -4.28
N ARG A 74 -12.01 0.66 -5.24
CA ARG A 74 -11.53 1.41 -6.38
C ARG A 74 -12.58 1.65 -7.48
N LYS A 75 -12.17 2.40 -8.50
CA LYS A 75 -13.01 2.66 -9.62
C LYS A 75 -12.83 1.54 -10.62
N SER A 76 -13.89 0.76 -10.74
CA SER A 76 -14.00 -0.32 -11.70
C SER A 76 -15.48 -0.25 -11.90
N SER A 77 -15.93 -0.38 -13.13
CA SER A 77 -17.36 -0.30 -13.37
C SER A 77 -18.10 -1.63 -13.58
N LYS A 78 -17.38 -2.76 -13.48
CA LYS A 78 -18.06 -4.04 -13.63
C LYS A 78 -18.51 -4.50 -12.26
N HIS A 79 -19.78 -4.91 -12.24
CA HIS A 79 -20.53 -5.24 -11.03
C HIS A 79 -21.20 -3.86 -10.94
N SER A 80 -21.64 -3.43 -12.12
CA SER A 80 -22.26 -2.14 -12.41
C SER A 80 -23.32 -1.50 -11.52
N SER A 81 -24.39 -2.22 -11.24
CA SER A 81 -25.52 -1.71 -10.45
C SER A 81 -25.28 -1.27 -8.99
N LEU A 82 -24.79 -2.20 -8.16
CA LEU A 82 -24.55 -1.95 -6.74
C LEU A 82 -23.80 -0.67 -6.40
N ASP A 83 -24.15 -0.04 -5.28
CA ASP A 83 -23.45 1.16 -4.85
C ASP A 83 -22.11 0.69 -4.33
N CYS A 84 -21.08 1.46 -4.63
CA CYS A 84 -19.71 1.14 -4.23
C CYS A 84 -19.55 0.47 -2.86
N VAL A 85 -20.25 0.99 -1.86
CA VAL A 85 -20.17 0.47 -0.49
C VAL A 85 -20.65 -0.98 -0.30
N LEU A 86 -21.50 -1.46 -1.20
CA LEU A 86 -22.02 -2.83 -1.11
C LEU A 86 -21.32 -3.73 -2.12
N ARG A 87 -20.68 -3.09 -3.09
CA ARG A 87 -19.96 -3.78 -4.16
C ARG A 87 -18.78 -4.59 -3.66
N PRO A 88 -18.66 -5.84 -4.11
CA PRO A 88 -17.52 -6.66 -3.67
C PRO A 88 -16.23 -6.02 -4.16
N THR A 89 -15.18 -6.03 -3.35
CA THR A 89 -13.90 -5.46 -3.75
C THR A 89 -13.23 -6.51 -4.65
N GLU A 90 -12.53 -6.05 -5.69
CA GLU A 90 -11.88 -6.97 -6.62
C GLU A 90 -10.39 -7.21 -6.43
N GLY A 91 -9.79 -6.60 -5.42
CA GLY A 91 -8.36 -6.78 -5.22
C GLY A 91 -7.61 -6.03 -6.30
N TYR A 92 -6.32 -5.80 -6.12
CA TYR A 92 -5.55 -5.10 -7.12
C TYR A 92 -4.43 -5.99 -7.65
N LEU A 93 -3.85 -5.60 -8.77
CA LEU A 93 -2.81 -6.39 -9.41
C LEU A 93 -1.38 -5.98 -9.03
N ALA A 94 -0.68 -6.89 -8.35
CA ALA A 94 0.69 -6.61 -7.98
C ALA A 94 1.49 -6.86 -9.25
N VAL A 95 2.32 -5.90 -9.65
CA VAL A 95 3.12 -6.05 -10.86
C VAL A 95 4.58 -5.70 -10.60
N ALA A 96 5.44 -6.12 -11.53
CA ALA A 96 6.87 -5.83 -11.48
C ALA A 96 7.07 -4.95 -12.70
N VAL A 97 7.56 -3.74 -12.48
CA VAL A 97 7.75 -2.79 -13.57
C VAL A 97 9.19 -2.40 -13.86
N VAL A 98 9.49 -2.25 -15.15
CA VAL A 98 10.82 -1.86 -15.60
C VAL A 98 10.71 -0.84 -16.72
N LYS A 99 11.84 -0.24 -17.09
CA LYS A 99 11.90 0.74 -18.17
C LYS A 99 11.95 -0.04 -19.48
N LYS A 100 11.23 0.40 -20.50
CA LYS A 100 11.26 -0.29 -21.79
C LYS A 100 12.71 -0.27 -22.31
N ALA A 101 13.32 0.92 -22.26
CA ALA A 101 14.69 1.11 -22.73
C ALA A 101 15.66 0.16 -22.05
N ASN A 102 15.23 -0.45 -20.95
CA ASN A 102 16.06 -1.42 -20.24
C ASN A 102 15.75 -2.79 -20.86
N GLU A 103 16.03 -2.90 -22.16
CA GLU A 103 15.79 -4.12 -22.91
C GLU A 103 16.53 -5.33 -22.35
N GLY A 104 15.92 -6.50 -22.48
CA GLY A 104 16.56 -7.70 -21.97
C GLY A 104 16.30 -8.04 -20.51
N LEU A 105 15.79 -7.09 -19.73
CA LEU A 105 15.51 -7.33 -18.32
C LEU A 105 14.19 -8.08 -18.19
N THR A 106 14.25 -9.31 -17.69
CA THR A 106 13.06 -10.13 -17.51
C THR A 106 13.03 -10.63 -16.07
N TRP A 107 11.93 -11.28 -15.71
CA TRP A 107 11.80 -11.81 -14.37
C TRP A 107 13.00 -12.73 -14.12
N ASN A 108 13.42 -13.41 -15.18
CA ASN A 108 14.54 -14.35 -15.12
C ASN A 108 15.92 -13.73 -14.97
N SER A 109 16.04 -12.43 -15.17
CA SER A 109 17.33 -11.79 -15.05
C SER A 109 17.42 -10.71 -13.96
N LEU A 110 16.61 -10.85 -12.91
CA LEU A 110 16.60 -9.86 -11.82
C LEU A 110 17.75 -9.96 -10.81
N LYS A 111 18.35 -11.14 -10.64
CA LYS A 111 19.44 -11.28 -9.69
C LYS A 111 20.50 -10.20 -9.89
N ASP A 112 20.96 -9.60 -8.80
CA ASP A 112 21.98 -8.57 -8.84
C ASP A 112 21.56 -7.24 -9.49
N LYS A 113 20.26 -7.03 -9.64
CA LYS A 113 19.78 -5.79 -10.23
C LYS A 113 19.39 -4.84 -9.08
N LYS A 114 18.95 -3.63 -9.43
CA LYS A 114 18.54 -2.65 -8.45
C LYS A 114 17.02 -2.67 -8.34
N SER A 115 16.49 -2.80 -7.12
CA SER A 115 15.04 -2.87 -6.94
C SER A 115 14.41 -1.78 -6.07
N CYS A 116 13.14 -1.48 -6.35
CA CYS A 116 12.38 -0.47 -5.62
C CYS A 116 11.13 -1.11 -5.03
N HIS A 117 11.00 -1.06 -3.70
CA HIS A 117 9.86 -1.66 -3.01
C HIS A 117 9.06 -0.59 -2.26
N THR A 118 7.75 -0.79 -2.17
CA THR A 118 6.89 0.16 -1.46
C THR A 118 7.37 0.24 -0.01
N ALA A 119 7.62 -0.93 0.58
CA ALA A 119 8.11 -1.04 1.95
C ALA A 119 8.25 -2.51 2.29
N VAL A 120 8.95 -2.80 3.37
CA VAL A 120 9.10 -4.16 3.82
C VAL A 120 7.75 -4.53 4.44
N ASP A 121 7.32 -5.76 4.22
CA ASP A 121 6.05 -6.27 4.75
C ASP A 121 4.79 -5.90 4.00
N ARG A 122 4.89 -5.09 2.94
CA ARG A 122 3.68 -4.74 2.18
C ARG A 122 3.45 -5.76 1.07
N THR A 123 2.19 -5.95 0.69
CA THR A 123 1.81 -6.94 -0.32
C THR A 123 2.51 -6.93 -1.67
N ALA A 124 2.27 -5.91 -2.48
CA ALA A 124 2.87 -5.85 -3.81
C ALA A 124 4.34 -5.50 -3.83
N GLY A 125 4.78 -4.65 -2.91
CA GLY A 125 6.18 -4.25 -2.90
C GLY A 125 7.12 -5.19 -2.20
N TRP A 126 6.57 -6.17 -1.49
CA TRP A 126 7.46 -7.05 -0.75
C TRP A 126 7.06 -8.52 -0.65
N ASN A 127 5.97 -8.80 0.06
CA ASN A 127 5.53 -10.17 0.26
C ASN A 127 5.42 -11.00 -1.03
N ILE A 128 4.74 -10.47 -2.04
CA ILE A 128 4.57 -11.20 -3.28
C ILE A 128 5.89 -11.39 -4.03
N PRO A 129 6.57 -10.30 -4.38
CA PRO A 129 7.84 -10.47 -5.10
C PRO A 129 8.89 -11.31 -4.35
N MET A 130 9.18 -10.94 -3.11
CA MET A 130 10.18 -11.68 -2.34
C MET A 130 9.75 -13.12 -2.04
N GLY A 131 8.43 -13.35 -1.93
CA GLY A 131 7.96 -14.69 -1.69
C GLY A 131 8.29 -15.52 -2.91
N LEU A 132 8.07 -14.95 -4.09
CA LEU A 132 8.37 -15.62 -5.35
C LEU A 132 9.87 -15.79 -5.51
N ILE A 133 10.63 -14.74 -5.23
CA ILE A 133 12.08 -14.84 -5.34
C ILE A 133 12.55 -15.99 -4.47
N VAL A 134 12.20 -15.94 -3.19
CA VAL A 134 12.58 -16.98 -2.24
C VAL A 134 12.11 -18.36 -2.70
N ASN A 135 10.88 -18.43 -3.22
CA ASN A 135 10.31 -19.67 -3.72
C ASN A 135 11.29 -20.24 -4.75
N GLN A 136 11.50 -19.47 -5.83
CA GLN A 136 12.37 -19.84 -6.95
C GLN A 136 13.88 -19.95 -6.70
N THR A 137 14.40 -19.17 -5.77
CA THR A 137 15.82 -19.17 -5.48
C THR A 137 16.21 -20.25 -4.46
N GLY A 138 15.20 -20.79 -3.78
CA GLY A 138 15.45 -21.83 -2.78
C GLY A 138 16.07 -21.32 -1.50
N SER A 139 16.59 -20.09 -1.51
CA SER A 139 17.22 -19.50 -0.34
C SER A 139 16.40 -18.40 0.35
N CYS A 140 16.66 -18.23 1.65
CA CYS A 140 15.99 -17.23 2.48
C CYS A 140 16.77 -15.92 2.50
N ALA A 141 17.90 -15.91 1.81
CA ALA A 141 18.77 -14.74 1.74
C ALA A 141 18.25 -13.68 0.77
N PHE A 142 17.00 -13.24 0.97
CA PHE A 142 16.42 -12.24 0.08
C PHE A 142 17.08 -10.86 0.21
N ASP A 143 18.02 -10.73 1.14
CA ASP A 143 18.74 -9.47 1.35
C ASP A 143 19.95 -9.47 0.42
N GLU A 144 20.23 -10.62 -0.15
CA GLU A 144 21.38 -10.79 -1.04
C GLU A 144 21.00 -10.98 -2.50
N PHE A 145 19.70 -10.94 -2.82
CA PHE A 145 19.26 -11.14 -4.20
C PHE A 145 19.51 -9.94 -5.11
N PHE A 146 19.06 -8.76 -4.69
CA PHE A 146 19.27 -7.55 -5.47
C PHE A 146 20.57 -6.89 -5.00
N SER A 147 21.34 -6.33 -5.92
CA SER A 147 22.60 -5.70 -5.57
C SER A 147 22.36 -4.57 -4.57
N GLN A 148 21.34 -3.76 -4.87
CA GLN A 148 20.93 -2.65 -4.02
C GLN A 148 19.43 -2.48 -4.17
N SER A 149 18.80 -1.92 -3.15
CA SER A 149 17.36 -1.72 -3.18
C SER A 149 16.96 -0.58 -2.26
N CYS A 150 15.72 -0.12 -2.41
CA CYS A 150 15.18 0.84 -1.47
C CYS A 150 13.95 0.06 -1.02
N ALA A 151 14.02 -0.44 0.21
CA ALA A 151 12.94 -1.20 0.80
C ALA A 151 12.69 -0.60 2.18
N PRO A 152 11.93 0.50 2.23
CA PRO A 152 11.60 1.21 3.48
C PRO A 152 11.24 0.25 4.62
N GLY A 153 11.88 0.45 5.76
CA GLY A 153 11.59 -0.42 6.90
C GLY A 153 12.68 -1.43 7.16
N ALA A 154 13.61 -1.57 6.24
CA ALA A 154 14.73 -2.50 6.40
C ALA A 154 15.85 -1.75 7.10
N ASP A 155 16.93 -2.44 7.44
CA ASP A 155 18.07 -1.83 8.10
C ASP A 155 18.65 -0.71 7.23
N PRO A 156 18.72 0.51 7.76
CA PRO A 156 19.26 1.65 7.01
C PRO A 156 20.69 1.49 6.48
N LYS A 157 21.50 0.64 7.13
CA LYS A 157 22.88 0.47 6.65
C LYS A 157 23.04 -0.67 5.66
N SER A 158 21.98 -1.43 5.43
CA SER A 158 22.03 -2.55 4.51
C SER A 158 21.81 -2.13 3.06
N ARG A 159 22.09 -3.04 2.13
CA ARG A 159 21.90 -2.73 0.72
C ARG A 159 20.41 -2.60 0.40
N LEU A 160 19.56 -3.18 1.25
CA LEU A 160 18.12 -3.10 1.02
C LEU A 160 17.64 -1.65 1.21
N CYS A 161 18.48 -0.83 1.82
CA CYS A 161 18.15 0.59 2.05
C CYS A 161 19.06 1.53 1.27
N ALA A 162 20.09 0.96 0.64
CA ALA A 162 21.06 1.74 -0.12
C ALA A 162 20.50 2.71 -1.16
N LEU A 163 19.36 2.38 -1.75
CA LEU A 163 18.77 3.23 -2.78
C LEU A 163 17.77 4.26 -2.23
N CYS A 164 17.39 4.13 -0.97
CA CYS A 164 16.43 5.08 -0.41
C CYS A 164 17.07 6.46 -0.24
N ALA A 165 16.27 7.50 -0.40
CA ALA A 165 16.79 8.86 -0.34
C ALA A 165 16.46 9.69 0.90
N GLY A 166 15.60 9.20 1.78
CA GLY A 166 15.27 10.01 2.95
C GLY A 166 14.44 11.20 2.50
N ASP A 167 14.29 12.20 3.36
CA ASP A 167 13.49 13.38 3.02
C ASP A 167 14.28 14.46 2.30
N ASP A 168 13.71 15.66 2.20
CA ASP A 168 14.39 16.75 1.52
C ASP A 168 15.74 17.09 2.13
N GLN A 169 15.92 16.77 3.41
CA GLN A 169 17.20 17.05 4.08
C GLN A 169 18.08 15.81 4.17
N GLY A 170 17.70 14.74 3.48
CA GLY A 170 18.50 13.52 3.53
C GLY A 170 18.31 12.77 4.84
N LEU A 171 17.35 13.22 5.66
CA LEU A 171 17.07 12.57 6.93
C LEU A 171 15.98 11.53 6.75
N ASP A 172 15.86 10.63 7.71
CA ASP A 172 14.87 9.56 7.69
C ASP A 172 15.03 8.58 6.54
N LYS A 173 16.26 8.41 6.09
CA LYS A 173 16.55 7.49 5.01
C LYS A 173 16.00 6.10 5.35
N CYS A 174 15.18 5.57 4.45
CA CYS A 174 14.58 4.24 4.61
C CYS A 174 13.46 4.10 5.62
N VAL A 175 12.94 5.20 6.16
CA VAL A 175 11.86 5.06 7.11
C VAL A 175 10.63 4.66 6.34
N PRO A 176 9.82 3.75 6.92
CA PRO A 176 8.61 3.30 6.24
C PRO A 176 7.41 4.24 6.42
N ASN A 177 7.56 5.47 5.96
CA ASN A 177 6.49 6.46 5.98
C ASN A 177 6.80 7.44 4.86
N SER A 178 5.84 8.27 4.50
CA SER A 178 6.01 9.19 3.37
C SER A 178 7.16 10.18 3.40
N LYS A 179 7.84 10.33 4.53
CA LYS A 179 8.98 11.23 4.55
C LYS A 179 10.06 10.66 3.63
N GLU A 180 10.07 9.34 3.47
CA GLU A 180 11.04 8.69 2.60
C GLU A 180 10.57 8.94 1.17
N LYS A 181 11.41 9.60 0.40
CA LYS A 181 11.12 9.94 -0.99
C LYS A 181 10.64 8.76 -1.82
N TYR A 182 11.24 7.58 -1.62
CA TYR A 182 10.84 6.41 -2.41
C TYR A 182 9.92 5.44 -1.69
N TYR A 183 9.11 5.96 -0.78
CA TYR A 183 8.17 5.15 -0.02
C TYR A 183 6.82 4.93 -0.70
N GLY A 184 6.23 3.78 -0.42
CA GLY A 184 4.93 3.45 -0.96
C GLY A 184 4.88 3.27 -2.47
N TYR A 185 3.68 3.03 -2.97
CA TYR A 185 3.47 2.83 -4.40
C TYR A 185 4.14 3.87 -5.28
N THR A 186 3.82 5.14 -5.02
CA THR A 186 4.36 6.24 -5.83
C THR A 186 5.87 6.39 -5.68
N GLY A 187 6.35 6.35 -4.45
CA GLY A 187 7.78 6.48 -4.19
C GLY A 187 8.57 5.40 -4.88
N ALA A 188 8.09 4.16 -4.80
CA ALA A 188 8.79 3.05 -5.44
C ALA A 188 8.77 3.23 -6.96
N PHE A 189 7.65 3.72 -7.49
CA PHE A 189 7.56 3.90 -8.93
C PHE A 189 8.48 5.06 -9.34
N ARG A 190 8.65 6.03 -8.44
CA ARG A 190 9.54 7.17 -8.71
C ARG A 190 10.98 6.67 -8.74
N CYS A 191 11.28 5.75 -7.83
CA CYS A 191 12.61 5.16 -7.74
C CYS A 191 12.94 4.53 -9.10
N LEU A 192 11.98 3.87 -9.73
CA LEU A 192 12.20 3.28 -11.05
C LEU A 192 12.28 4.36 -12.13
N ALA A 193 11.30 5.28 -12.11
CA ALA A 193 11.22 6.36 -13.09
C ALA A 193 12.49 7.20 -13.17
N GLU A 194 13.16 7.40 -12.02
CA GLU A 194 14.38 8.18 -12.00
C GLU A 194 15.59 7.28 -12.21
N ASP A 195 15.34 6.03 -12.55
CA ASP A 195 16.39 5.04 -12.79
C ASP A 195 17.35 4.82 -11.63
N VAL A 196 16.83 4.92 -10.40
CA VAL A 196 17.62 4.67 -9.21
C VAL A 196 17.62 3.16 -9.13
N GLY A 197 16.49 2.57 -9.52
CA GLY A 197 16.37 1.12 -9.52
C GLY A 197 16.10 0.58 -10.91
N ASP A 198 16.24 -0.72 -11.10
CA ASP A 198 16.00 -1.37 -12.37
C ASP A 198 14.57 -1.86 -12.45
N VAL A 199 14.00 -2.19 -11.31
CA VAL A 199 12.64 -2.68 -11.23
C VAL A 199 11.92 -2.08 -10.03
N ALA A 200 10.59 -1.97 -10.14
CA ALA A 200 9.76 -1.45 -9.07
C ALA A 200 8.60 -2.41 -8.88
N PHE A 201 8.37 -2.79 -7.62
CA PHE A 201 7.29 -3.69 -7.28
C PHE A 201 6.15 -2.86 -6.71
N VAL A 202 5.18 -2.56 -7.55
CA VAL A 202 4.03 -1.76 -7.16
C VAL A 202 2.79 -2.47 -7.69
N LYS A 203 1.71 -1.72 -7.89
CA LYS A 203 0.51 -2.33 -8.43
C LYS A 203 0.22 -1.71 -9.78
N ASN A 204 -0.61 -2.38 -10.55
CA ASN A 204 -0.94 -1.91 -11.89
C ASN A 204 -1.40 -0.46 -11.92
N ASP A 205 -2.26 -0.09 -10.99
CA ASP A 205 -2.81 1.25 -10.94
C ASP A 205 -1.73 2.36 -10.76
N THR A 206 -0.60 2.02 -10.14
CA THR A 206 0.47 2.98 -9.89
C THR A 206 1.11 3.53 -11.17
N VAL A 207 1.32 2.66 -12.14
CA VAL A 207 1.95 3.04 -13.39
C VAL A 207 1.04 4.00 -14.18
N TRP A 208 -0.25 3.72 -14.19
CA TRP A 208 -1.21 4.55 -14.91
C TRP A 208 -1.41 5.94 -14.31
N GLU A 209 -1.60 5.98 -13.00
CA GLU A 209 -1.82 7.25 -12.30
C GLU A 209 -0.60 8.17 -12.27
N ASN A 210 0.55 7.67 -12.68
CA ASN A 210 1.77 8.48 -12.67
C ASN A 210 2.42 8.64 -14.05
N THR A 211 1.64 8.43 -15.10
CA THR A 211 2.13 8.58 -16.47
C THR A 211 1.13 9.34 -17.33
N ASN A 212 1.55 9.66 -18.55
CA ASN A 212 0.72 10.37 -19.52
C ASN A 212 -0.11 11.53 -18.97
N GLY A 213 0.55 12.41 -18.23
CA GLY A 213 -0.13 13.58 -17.66
C GLY A 213 -1.00 13.40 -16.43
N GLU A 214 -1.24 12.16 -16.02
CA GLU A 214 -2.08 11.90 -14.85
C GLU A 214 -1.55 12.46 -13.53
N SER A 215 -0.29 12.90 -13.50
CA SER A 215 0.30 13.39 -12.25
C SER A 215 0.58 14.89 -12.04
N THR A 216 1.32 15.50 -12.96
CA THR A 216 1.72 16.91 -12.91
C THR A 216 2.90 17.11 -11.95
N ALA A 217 3.20 16.08 -11.15
CA ALA A 217 4.31 16.15 -10.22
C ALA A 217 5.59 16.20 -11.06
N ASP A 218 6.52 17.05 -10.65
CA ASP A 218 7.79 17.23 -11.35
C ASP A 218 8.40 15.97 -11.97
N TRP A 219 8.69 14.97 -11.13
CA TRP A 219 9.30 13.74 -11.61
C TRP A 219 8.47 12.89 -12.56
N ALA A 220 7.15 13.02 -12.51
CA ALA A 220 6.28 12.22 -13.37
C ALA A 220 5.62 12.94 -14.56
N LYS A 221 5.67 14.27 -14.58
CA LYS A 221 5.08 15.04 -15.68
C LYS A 221 5.41 14.46 -17.05
N ASN A 222 6.71 14.24 -17.26
CA ASN A 222 7.24 13.75 -18.52
C ASN A 222 7.26 12.24 -18.72
N LEU A 223 6.62 11.47 -17.84
CA LEU A 223 6.63 10.02 -17.98
C LEU A 223 5.56 9.51 -18.95
N LYS A 224 5.98 8.59 -19.82
CA LYS A 224 5.07 8.03 -20.81
C LYS A 224 4.91 6.52 -20.63
N ARG A 225 3.66 6.09 -20.54
CA ARG A 225 3.28 4.70 -20.37
C ARG A 225 4.04 3.73 -21.26
N GLU A 226 4.33 4.15 -22.48
CA GLU A 226 5.05 3.32 -23.45
C GLU A 226 6.49 3.03 -23.08
N ASP A 227 7.07 3.86 -22.22
CA ASP A 227 8.46 3.65 -21.83
C ASP A 227 8.64 2.62 -20.73
N PHE A 228 7.53 1.99 -20.34
CA PHE A 228 7.56 1.00 -19.27
C PHE A 228 7.05 -0.36 -19.72
N ARG A 229 7.50 -1.39 -19.03
CA ARG A 229 7.06 -2.73 -19.37
C ARG A 229 6.84 -3.52 -18.11
N LEU A 230 5.82 -4.37 -18.12
CA LEU A 230 5.53 -5.22 -16.98
C LEU A 230 6.30 -6.54 -17.20
N LEU A 231 6.77 -7.15 -16.13
CA LEU A 231 7.52 -8.41 -16.23
C LEU A 231 6.64 -9.58 -15.80
N CYS A 232 6.16 -10.37 -16.76
CA CYS A 232 5.31 -11.51 -16.44
C CYS A 232 6.13 -12.59 -15.81
N LEU A 233 5.46 -13.51 -15.13
CA LEU A 233 6.13 -14.61 -14.46
C LEU A 233 6.70 -15.66 -15.41
N ASP A 234 6.28 -15.63 -16.67
CA ASP A 234 6.76 -16.61 -17.64
C ASP A 234 8.06 -16.20 -18.34
N GLY A 235 8.56 -15.00 -18.05
CA GLY A 235 9.80 -14.55 -18.66
C GLY A 235 9.67 -13.48 -19.72
N THR A 236 8.43 -13.21 -20.13
CA THR A 236 8.18 -12.21 -21.16
C THR A 236 8.01 -10.80 -20.57
N ARG A 237 7.90 -9.82 -21.47
CA ARG A 237 7.72 -8.42 -21.09
C ARG A 237 6.51 -7.92 -21.87
N LYS A 238 5.57 -7.27 -21.19
CA LYS A 238 4.38 -6.77 -21.88
C LYS A 238 4.16 -5.29 -21.58
N PRO A 239 3.34 -4.62 -22.40
CA PRO A 239 3.05 -3.21 -22.17
C PRO A 239 2.24 -3.12 -20.89
N VAL A 240 2.23 -1.95 -20.25
CA VAL A 240 1.50 -1.81 -19.01
C VAL A 240 -0.02 -1.91 -19.13
N THR A 241 -0.51 -1.99 -20.36
CA THR A 241 -1.96 -2.11 -20.59
C THR A 241 -2.33 -3.59 -20.51
N GLU A 242 -1.33 -4.44 -20.34
CA GLU A 242 -1.54 -5.89 -20.27
C GLU A 242 -1.46 -6.45 -18.85
N ALA A 243 -1.70 -5.63 -17.85
CA ALA A 243 -1.61 -6.09 -16.47
C ALA A 243 -2.45 -7.34 -16.18
N GLN A 244 -3.64 -7.42 -16.75
CA GLN A 244 -4.51 -8.57 -16.49
C GLN A 244 -3.91 -9.92 -16.89
N SER A 245 -2.92 -9.91 -17.78
CA SER A 245 -2.29 -11.15 -18.22
C SER A 245 -0.81 -11.22 -17.84
N CYS A 246 -0.33 -10.15 -17.23
CA CYS A 246 1.08 -10.09 -16.83
C CYS A 246 1.24 -9.47 -15.44
N HIS A 247 0.94 -10.25 -14.41
CA HIS A 247 1.08 -9.78 -13.03
C HIS A 247 1.60 -10.90 -12.14
N LEU A 248 2.09 -10.53 -10.96
CA LEU A 248 2.63 -11.50 -10.02
C LEU A 248 1.56 -12.12 -9.12
N ALA A 249 0.47 -11.38 -8.89
CA ALA A 249 -0.63 -11.85 -8.05
C ALA A 249 -1.67 -10.74 -7.91
N VAL A 250 -2.86 -11.09 -7.45
CA VAL A 250 -3.87 -10.06 -7.21
C VAL A 250 -3.90 -9.96 -5.69
N ALA A 251 -3.78 -8.73 -5.19
CA ALA A 251 -3.73 -8.49 -3.76
C ALA A 251 -5.07 -8.10 -3.14
N PRO A 252 -5.29 -8.48 -1.87
CA PRO A 252 -6.55 -8.10 -1.25
C PRO A 252 -6.47 -6.60 -1.00
N ASN A 253 -7.57 -5.90 -1.24
CA ASN A 253 -7.61 -4.46 -1.06
C ASN A 253 -7.14 -4.02 0.31
N HIS A 254 -6.59 -2.80 0.38
CA HIS A 254 -6.17 -2.27 1.66
C HIS A 254 -7.47 -2.11 2.41
N ALA A 255 -7.42 -2.34 3.71
CA ALA A 255 -8.63 -2.21 4.51
C ALA A 255 -8.39 -1.54 5.86
N VAL A 256 -9.47 -1.02 6.41
CA VAL A 256 -9.45 -0.38 7.71
C VAL A 256 -9.51 -1.46 8.78
N VAL A 257 -8.67 -1.34 9.81
CA VAL A 257 -8.70 -2.31 10.90
C VAL A 257 -8.86 -1.56 12.21
N SER A 258 -9.41 -2.25 13.21
CA SER A 258 -9.63 -1.70 14.54
C SER A 258 -9.67 -2.89 15.49
N ARG A 259 -9.78 -2.61 16.79
CA ARG A 259 -9.88 -3.68 17.75
C ARG A 259 -11.29 -4.22 17.59
N SER A 260 -11.47 -5.52 17.76
CA SER A 260 -12.79 -6.13 17.59
C SER A 260 -13.85 -5.37 18.37
N ASP A 261 -13.52 -5.03 19.60
CA ASP A 261 -14.46 -4.33 20.46
C ASP A 261 -14.80 -2.90 20.06
N ARG A 262 -14.09 -2.35 19.07
CA ARG A 262 -14.34 -0.98 18.62
C ARG A 262 -14.81 -0.95 17.15
N ALA A 263 -14.74 -2.11 16.50
CA ALA A 263 -15.11 -2.25 15.09
C ALA A 263 -16.45 -1.66 14.66
N ALA A 264 -17.52 -2.04 15.36
CA ALA A 264 -18.85 -1.56 15.03
C ALA A 264 -18.92 -0.04 15.04
N HIS A 265 -18.33 0.56 16.06
CA HIS A 265 -18.34 2.02 16.19
C HIS A 265 -17.51 2.68 15.12
N VAL A 266 -16.39 2.06 14.76
CA VAL A 266 -15.53 2.61 13.73
C VAL A 266 -16.26 2.50 12.40
N GLU A 267 -16.86 1.34 12.13
CA GLU A 267 -17.61 1.15 10.88
C GLU A 267 -18.64 2.26 10.75
N GLN A 268 -19.45 2.44 11.79
CA GLN A 268 -20.49 3.46 11.83
C GLN A 268 -19.99 4.86 11.49
N VAL A 269 -19.01 5.33 12.26
CA VAL A 269 -18.44 6.65 12.04
C VAL A 269 -17.86 6.84 10.65
N LEU A 270 -17.12 5.84 10.17
CA LEU A 270 -16.51 5.89 8.85
C LEU A 270 -17.52 6.08 7.73
N LEU A 271 -18.61 5.32 7.76
CA LEU A 271 -19.62 5.43 6.74
C LEU A 271 -20.18 6.85 6.70
N HIS A 272 -20.36 7.44 7.86
CA HIS A 272 -20.87 8.80 7.93
C HIS A 272 -19.80 9.75 7.40
N GLN A 273 -18.55 9.49 7.74
CA GLN A 273 -17.47 10.35 7.28
C GLN A 273 -17.30 10.39 5.77
N GLN A 274 -17.40 9.24 5.10
CA GLN A 274 -17.23 9.24 3.65
C GLN A 274 -18.43 9.88 2.94
N ALA A 275 -19.60 9.79 3.56
CA ALA A 275 -20.79 10.40 3.00
C ALA A 275 -20.50 11.91 2.92
N LEU A 276 -19.65 12.37 3.84
CA LEU A 276 -19.26 13.77 3.91
C LEU A 276 -18.04 14.12 3.07
N PHE A 277 -17.00 13.30 3.16
CA PHE A 277 -15.76 13.60 2.43
C PHE A 277 -15.31 12.58 1.38
N GLY A 278 -16.13 11.58 1.09
CA GLY A 278 -15.78 10.56 0.11
C GLY A 278 -15.81 11.04 -1.33
N LYS A 279 -15.82 10.10 -2.27
CA LYS A 279 -15.83 10.43 -3.70
C LYS A 279 -16.95 11.36 -4.15
N ASN A 280 -18.17 11.11 -3.69
CA ASN A 280 -19.30 11.96 -4.04
C ASN A 280 -19.72 12.74 -2.79
N GLY A 281 -18.88 12.64 -1.76
CA GLY A 281 -19.11 13.30 -0.50
C GLY A 281 -19.76 14.67 -0.52
N LYS A 282 -20.53 14.94 0.53
CA LYS A 282 -21.25 16.19 0.72
C LYS A 282 -20.35 17.43 0.70
N ASN A 283 -19.14 17.30 1.25
CA ASN A 283 -18.21 18.43 1.32
C ASN A 283 -16.92 18.28 0.52
N CYS A 284 -16.93 17.38 -0.45
CA CYS A 284 -15.76 17.15 -1.31
C CYS A 284 -16.24 17.36 -2.74
N PRO A 285 -15.47 18.06 -3.57
CA PRO A 285 -14.16 18.70 -3.36
C PRO A 285 -14.23 20.17 -2.93
N ASP A 286 -15.15 20.47 -2.02
CA ASP A 286 -15.36 21.83 -1.55
C ASP A 286 -14.64 22.12 -0.24
N LYS A 287 -14.93 21.33 0.78
CA LYS A 287 -14.30 21.52 2.08
C LYS A 287 -13.11 20.60 2.26
N PHE A 288 -13.34 19.30 2.12
CA PHE A 288 -12.27 18.33 2.32
C PHE A 288 -12.59 17.01 1.63
N CYS A 289 -11.58 16.40 1.02
CA CYS A 289 -11.73 15.12 0.36
C CYS A 289 -10.89 14.07 1.07
N LEU A 290 -11.54 13.05 1.60
CA LEU A 290 -10.87 11.98 2.31
C LEU A 290 -9.89 11.19 1.47
N PHE A 291 -10.31 10.85 0.26
CA PHE A 291 -9.47 10.03 -0.61
C PHE A 291 -8.60 10.76 -1.62
N LYS A 292 -8.27 12.01 -1.31
CA LYS A 292 -7.42 12.80 -2.19
C LYS A 292 -6.30 13.42 -1.35
N SER A 293 -5.08 13.40 -1.91
CA SER A 293 -3.91 13.95 -1.23
C SER A 293 -2.79 14.21 -2.25
N GLU A 294 -3.16 14.74 -3.40
CA GLU A 294 -2.22 15.06 -4.48
C GLU A 294 -1.39 13.85 -4.97
N THR A 295 -2.05 12.70 -5.10
CA THR A 295 -1.44 11.43 -5.54
C THR A 295 -0.37 10.89 -4.59
N LYS A 296 -0.47 11.26 -3.31
CA LYS A 296 0.49 10.81 -2.31
C LYS A 296 -0.03 9.65 -1.46
N ASN A 297 -1.30 9.29 -1.67
CA ASN A 297 -1.93 8.18 -0.96
C ASN A 297 -1.82 8.26 0.56
N LEU A 298 -2.16 9.42 1.11
CA LEU A 298 -2.11 9.63 2.55
C LEU A 298 -3.43 9.14 3.19
N LEU A 299 -3.30 8.32 4.25
CA LEU A 299 -4.42 7.74 4.97
C LEU A 299 -5.14 6.67 4.14
N PHE A 300 -5.48 7.01 2.88
CA PHE A 300 -6.15 6.09 1.98
C PHE A 300 -5.51 6.26 0.61
N ASN A 301 -5.70 5.29 -0.29
CA ASN A 301 -5.15 5.42 -1.62
C ASN A 301 -5.99 6.47 -2.35
N ASP A 302 -5.35 7.28 -3.18
CA ASP A 302 -6.09 8.32 -3.89
C ASP A 302 -7.11 7.83 -4.90
N ASN A 303 -6.97 6.57 -5.36
CA ASN A 303 -7.92 6.04 -6.33
C ASN A 303 -9.09 5.33 -5.67
N THR A 304 -9.28 5.56 -4.37
CA THR A 304 -10.37 4.95 -3.62
C THR A 304 -11.69 5.70 -3.90
N GLU A 305 -12.70 4.96 -4.34
CA GLU A 305 -14.01 5.54 -4.62
C GLU A 305 -14.79 5.65 -3.32
N CYS A 306 -14.66 4.61 -2.50
CA CYS A 306 -15.36 4.56 -1.23
C CYS A 306 -14.80 3.41 -0.39
N LEU A 307 -15.27 3.33 0.85
CA LEU A 307 -14.90 2.29 1.79
C LEU A 307 -16.13 1.39 1.80
N ALA A 308 -15.96 0.14 1.40
CA ALA A 308 -17.11 -0.78 1.33
C ALA A 308 -17.24 -1.81 2.46
N LYS A 309 -18.48 -2.14 2.79
CA LYS A 309 -18.76 -3.13 3.83
C LYS A 309 -18.16 -4.42 3.32
N LEU A 310 -17.77 -5.32 4.21
CA LEU A 310 -17.09 -6.55 3.80
C LEU A 310 -17.90 -7.78 3.35
N GLY A 311 -18.64 -8.42 4.25
CA GLY A 311 -19.39 -9.59 3.79
C GLY A 311 -19.61 -10.71 4.79
N GLY A 312 -19.10 -11.91 4.53
CA GLY A 312 -19.27 -13.03 5.46
C GLY A 312 -18.50 -12.72 6.73
N ARG A 313 -18.75 -11.52 7.26
CA ARG A 313 -18.08 -11.01 8.43
C ARG A 313 -16.71 -11.60 8.57
N PRO A 314 -15.79 -11.28 7.65
CA PRO A 314 -14.40 -11.66 7.50
C PRO A 314 -13.47 -11.67 8.73
N THR A 315 -12.81 -12.80 8.95
CA THR A 315 -11.82 -12.82 10.01
C THR A 315 -10.70 -12.23 9.17
N TYR A 316 -9.57 -11.89 9.75
CA TYR A 316 -8.50 -11.34 8.94
C TYR A 316 -7.93 -12.34 7.91
N GLU A 317 -7.96 -13.63 8.25
CA GLU A 317 -7.47 -14.68 7.36
C GLU A 317 -8.39 -14.87 6.17
N GLU A 318 -9.69 -14.77 6.40
CA GLU A 318 -10.65 -14.92 5.31
C GLU A 318 -10.57 -13.71 4.40
N TYR A 319 -10.30 -12.55 4.98
CA TYR A 319 -10.21 -11.31 4.19
C TYR A 319 -9.00 -11.35 3.26
N LEU A 320 -7.87 -11.82 3.76
CA LEU A 320 -6.66 -11.89 2.94
C LEU A 320 -6.71 -13.08 2.00
N GLY A 321 -7.49 -14.10 2.35
CA GLY A 321 -7.59 -15.28 1.52
C GLY A 321 -6.49 -16.25 1.90
N THR A 322 -6.80 -17.55 1.89
CA THR A 322 -5.84 -18.60 2.25
C THR A 322 -4.57 -18.62 1.41
N GLU A 323 -4.70 -18.38 0.10
CA GLU A 323 -3.55 -18.36 -0.79
C GLU A 323 -2.53 -17.34 -0.28
N TYR A 324 -2.97 -16.10 -0.10
CA TYR A 324 -2.09 -15.04 0.39
C TYR A 324 -1.55 -15.27 1.80
N VAL A 325 -2.39 -15.76 2.70
CA VAL A 325 -1.97 -16.00 4.07
C VAL A 325 -0.86 -17.04 4.18
N THR A 326 -0.95 -18.09 3.37
CA THR A 326 0.08 -19.13 3.38
C THR A 326 1.39 -18.56 2.85
N ALA A 327 1.30 -17.75 1.81
CA ALA A 327 2.47 -17.12 1.21
C ALA A 327 3.28 -16.33 2.25
N ILE A 328 2.59 -15.54 3.06
CA ILE A 328 3.25 -14.73 4.08
C ILE A 328 3.89 -15.60 5.16
N ALA A 329 3.25 -16.71 5.49
CA ALA A 329 3.77 -17.63 6.49
C ALA A 329 5.07 -18.21 5.96
N ASN A 330 5.01 -18.72 4.72
CA ASN A 330 6.17 -19.30 4.08
C ASN A 330 7.33 -18.32 3.93
N LEU A 331 7.02 -17.04 3.78
CA LEU A 331 8.05 -16.03 3.64
C LEU A 331 8.65 -15.67 4.99
N LYS A 332 7.78 -15.47 5.98
CA LYS A 332 8.24 -15.10 7.31
C LYS A 332 8.92 -16.21 8.09
N LYS A 333 9.08 -17.38 7.47
CA LYS A 333 9.76 -18.48 8.14
C LYS A 333 11.24 -18.17 7.93
N CYS A 334 11.50 -17.23 7.02
CA CYS A 334 12.84 -16.79 6.69
C CYS A 334 13.46 -15.83 7.68
N SER A 335 12.62 -15.18 8.50
CA SER A 335 13.13 -14.23 9.49
C SER A 335 13.60 -14.95 10.75
N LEU A 340 3.45 -19.33 13.31
CA LEU A 340 2.06 -19.02 12.98
C LEU A 340 1.40 -18.31 14.17
N GLU A 341 1.43 -18.96 15.33
CA GLU A 341 0.86 -18.38 16.55
C GLU A 341 1.84 -17.24 16.86
N ALA A 342 1.40 -15.99 16.76
CA ALA A 342 2.36 -14.91 16.97
C ALA A 342 2.09 -13.55 17.60
N CYS A 343 1.64 -12.63 16.75
CA CYS A 343 1.42 -11.22 17.04
C CYS A 343 2.89 -10.81 16.92
N ALA A 344 3.34 -9.76 17.59
CA ALA A 344 4.75 -9.38 17.47
C ALA A 344 5.05 -8.23 18.39
N PHE A 345 4.09 -7.93 19.26
CA PHE A 345 4.23 -6.83 20.20
C PHE A 345 3.84 -7.24 21.61
#